data_5WBQ
#
_entry.id   5WBQ
#
_cell.length_a   83.200
_cell.length_b   85.410
_cell.length_c   138.690
_cell.angle_alpha   90.000
_cell.angle_beta   90.000
_cell.angle_gamma   90.000
#
_symmetry.space_group_name_H-M   'P 21 21 21'
#
loop_
_entity.id
_entity.type
_entity.pdbx_description
1 polymer Ketohexokinase
2 non-polymer 2-ethyl-7-[(3S)-3-hydroxy-3-methylpyrrolidin-1-yl]-5-(trifluoromethyl)-1H-pyrrolo[3,2-b]pyridine-6-carbonitrile
3 non-polymer 'SULFATE ION'
4 non-polymer 'CHLORIDE ION'
5 water water
#
_entity_poly.entity_id   1
_entity_poly.type   'polypeptide(L)'
_entity_poly.pdbx_seq_one_letter_code
;MGSSHHHHHHSSGLVPRGSQILCVGLVVLDVISLVDKYPKEDSEIRCLSQRWQRGGNASNSCTVLSLLGAPCAFMGSMAP
GHVADFLVADFRRRGVDVSQVAWQSKGDTPSSCCIINNSNGNRTIVLHDTSLPDVSATDFEKVDLTQFKWIHIEGRNASE
QVKMLQRIDAHNTRQPPEQKIRVSVEVEKPREELFQLFGYGDVVFVSKDVAKHLGFQSAEEALRGLYGRVRKGAVLVCAW
AEEGADALGPDGKLLHSDAFPPPRVVDTLGAGDTFNASVIFSLSQGRSVQEALRFGCQVAGKKCGLQGFDGIV
;
_entity_poly.pdbx_strand_id   A,B
#
# COMPACT_ATOMS: atom_id res chain seq x y z
N GLY A 18 18.15 30.50 18.85
CA GLY A 18 17.68 29.83 17.64
C GLY A 18 18.47 28.56 17.36
N SER A 19 18.00 27.42 17.89
CA SER A 19 18.69 26.12 17.80
C SER A 19 18.09 25.12 16.79
N GLN A 20 16.81 25.28 16.46
CA GLN A 20 16.09 24.36 15.59
C GLN A 20 16.05 24.78 14.14
N ILE A 21 15.73 23.82 13.25
CA ILE A 21 15.53 24.03 11.82
C ILE A 21 14.09 23.61 11.57
N LEU A 22 13.27 24.52 11.03
CA LEU A 22 11.87 24.22 10.75
C LEU A 22 11.73 23.79 9.32
N CYS A 23 10.87 22.79 9.08
CA CYS A 23 10.55 22.29 7.75
C CYS A 23 9.06 22.27 7.65
N VAL A 24 8.53 23.13 6.77
CA VAL A 24 7.11 23.30 6.50
C VAL A 24 6.82 22.61 5.16
N GLY A 25 5.89 21.67 5.18
CA GLY A 25 5.48 20.91 4.01
C GLY A 25 4.65 19.69 4.35
N LEU A 26 4.80 18.63 3.53
CA LEU A 26 4.03 17.40 3.64
C LEU A 26 4.62 16.28 4.44
N VAL A 27 3.72 15.46 4.99
CA VAL A 27 3.99 14.20 5.67
C VAL A 27 3.01 13.21 5.02
N VAL A 28 3.55 12.13 4.44
CA VAL A 28 2.78 11.14 3.67
C VAL A 28 3.18 9.73 4.14
N LEU A 29 2.28 8.76 4.04
CA LEU A 29 2.63 7.39 4.35
C LEU A 29 2.99 6.77 3.01
N ASP A 30 4.26 6.40 2.87
CA ASP A 30 4.77 5.78 1.67
C ASP A 30 4.69 4.27 1.85
N VAL A 31 3.84 3.63 1.07
CA VAL A 31 3.66 2.18 1.07
C VAL A 31 4.56 1.72 -0.08
N ILE A 32 5.75 1.22 0.30
CA ILE A 32 6.86 0.82 -0.59
C ILE A 32 6.82 -0.65 -0.96
N SER A 33 6.92 -0.92 -2.26
CA SER A 33 7.06 -2.25 -2.85
C SER A 33 8.39 -2.26 -3.62
N LEU A 34 9.28 -3.18 -3.24
CA LEU A 34 10.57 -3.31 -3.87
C LEU A 34 10.49 -4.42 -4.94
N VAL A 35 10.62 -4.03 -6.21
CA VAL A 35 10.52 -4.90 -7.39
C VAL A 35 11.91 -5.19 -7.99
N ASP A 36 12.13 -6.39 -8.60
CA ASP A 36 13.44 -6.70 -9.22
C ASP A 36 13.55 -6.08 -10.62
N LYS A 37 12.39 -5.81 -11.25
CA LYS A 37 12.23 -5.14 -12.52
C LYS A 37 10.92 -4.36 -12.50
N TYR A 38 10.92 -3.15 -13.08
CA TYR A 38 9.74 -2.30 -13.13
C TYR A 38 8.60 -2.96 -13.91
N PRO A 39 7.36 -3.03 -13.37
CA PRO A 39 6.29 -3.74 -14.09
C PRO A 39 5.81 -3.10 -15.39
N LYS A 40 5.47 -3.98 -16.35
CA LYS A 40 4.88 -3.63 -17.64
C LYS A 40 3.37 -3.41 -17.39
N GLU A 41 2.70 -2.51 -18.14
CA GLU A 41 1.26 -2.29 -17.97
C GLU A 41 0.49 -3.61 -18.16
N ASP A 42 -0.54 -3.83 -17.32
CA ASP A 42 -1.41 -5.02 -17.26
C ASP A 42 -0.63 -6.31 -16.85
N SER A 43 0.62 -6.17 -16.33
CA SER A 43 1.39 -7.34 -15.86
C SER A 43 1.09 -7.65 -14.38
N GLU A 44 1.50 -8.84 -13.92
CA GLU A 44 1.29 -9.30 -12.55
C GLU A 44 2.63 -9.66 -11.89
N ILE A 45 3.46 -8.64 -11.62
CA ILE A 45 4.75 -8.81 -10.97
C ILE A 45 4.53 -9.17 -9.51
N ARG A 46 5.54 -9.73 -8.86
CA ARG A 46 5.51 -10.02 -7.44
C ARG A 46 6.72 -9.31 -6.86
N CYS A 47 6.49 -8.52 -5.81
CA CYS A 47 7.56 -7.77 -5.19
C CYS A 47 8.45 -8.64 -4.28
N LEU A 48 9.71 -8.21 -4.13
CA LEU A 48 10.73 -8.87 -3.32
C LEU A 48 10.50 -8.61 -1.83
N SER A 49 10.18 -7.34 -1.50
CA SER A 49 9.92 -6.89 -0.12
C SER A 49 9.02 -5.66 -0.08
N GLN A 50 8.29 -5.51 1.04
CA GLN A 50 7.35 -4.41 1.28
C GLN A 50 7.81 -3.69 2.53
N ARG A 51 7.53 -2.39 2.63
CA ARG A 51 7.81 -1.60 3.83
C ARG A 51 6.97 -0.36 3.86
N TRP A 52 6.70 0.10 5.08
CA TRP A 52 5.98 1.35 5.32
C TRP A 52 7.04 2.32 5.77
N GLN A 53 6.96 3.55 5.28
CA GLN A 53 7.97 4.56 5.57
C GLN A 53 7.34 5.93 5.58
N ARG A 54 7.77 6.78 6.51
CA ARG A 54 7.29 8.17 6.61
C ARG A 54 7.88 9.00 5.47
N GLY A 55 6.99 9.48 4.60
CA GLY A 55 7.34 10.25 3.42
C GLY A 55 6.99 11.72 3.50
N GLY A 56 6.94 12.37 2.33
CA GLY A 56 6.73 13.80 2.21
C GLY A 56 8.08 14.50 2.26
N ASN A 57 8.31 15.45 1.34
CA ASN A 57 9.58 16.17 1.22
C ASN A 57 10.10 16.78 2.54
N ALA A 58 9.28 17.62 3.22
CA ALA A 58 9.68 18.21 4.50
C ALA A 58 9.90 17.16 5.59
N SER A 59 9.04 16.13 5.64
CA SER A 59 9.16 15.02 6.61
C SER A 59 10.47 14.24 6.38
N ASN A 60 10.88 14.07 5.10
CA ASN A 60 12.13 13.38 4.76
C ASN A 60 13.32 14.22 5.13
N SER A 61 13.33 15.51 4.74
CA SER A 61 14.38 16.46 5.10
C SER A 61 14.62 16.44 6.62
N CYS A 62 13.54 16.40 7.43
CA CYS A 62 13.53 16.29 8.90
C CYS A 62 14.30 15.05 9.41
N THR A 63 14.02 13.87 8.81
CA THR A 63 14.68 12.60 9.12
C THR A 63 16.18 12.78 8.95
N VAL A 64 16.57 13.24 7.75
CA VAL A 64 17.94 13.50 7.32
C VAL A 64 18.62 14.49 8.29
N LEU A 65 17.99 15.66 8.55
CA LEU A 65 18.48 16.67 9.51
C LEU A 65 18.77 16.06 10.89
N SER A 66 17.80 15.27 11.41
CA SER A 66 17.90 14.59 12.69
C SER A 66 19.07 13.62 12.71
N LEU A 67 19.26 12.87 11.60
CA LEU A 67 20.35 11.91 11.48
C LEU A 67 21.69 12.64 11.43
N LEU A 68 21.71 13.86 10.85
CA LEU A 68 22.90 14.70 10.79
C LEU A 68 23.24 15.42 12.13
N GLY A 69 22.41 15.19 13.15
CA GLY A 69 22.55 15.73 14.49
C GLY A 69 21.93 17.09 14.73
N ALA A 70 21.18 17.60 13.74
CA ALA A 70 20.55 18.92 13.84
C ALA A 70 19.16 18.89 14.47
N PRO A 71 18.93 19.61 15.61
CA PRO A 71 17.57 19.70 16.19
C PRO A 71 16.65 20.35 15.18
N CYS A 72 15.58 19.64 14.84
CA CYS A 72 14.63 20.04 13.81
C CYS A 72 13.19 19.87 14.28
N ALA A 73 12.29 20.52 13.56
CA ALA A 73 10.87 20.53 13.84
C ALA A 73 10.09 20.45 12.55
N PHE A 74 9.07 19.60 12.54
CA PHE A 74 8.20 19.46 11.39
C PHE A 74 6.90 20.25 11.61
N MET A 75 6.43 20.91 10.53
CA MET A 75 5.17 21.64 10.49
C MET A 75 4.47 21.24 9.20
N GLY A 76 3.34 20.60 9.37
CA GLY A 76 2.50 20.13 8.28
C GLY A 76 1.17 19.66 8.84
N SER A 77 0.19 19.50 7.94
CA SER A 77 -1.14 19.04 8.29
C SER A 77 -1.16 17.53 8.51
N MET A 78 -1.79 17.11 9.62
CA MET A 78 -1.95 15.71 9.98
C MET A 78 -3.38 15.44 10.46
N ALA A 79 -4.01 14.38 9.92
CA ALA A 79 -5.36 14.00 10.29
C ALA A 79 -5.31 12.86 11.33
N PRO A 80 -5.77 13.11 12.60
CA PRO A 80 -5.73 12.03 13.62
C PRO A 80 -6.36 10.72 13.16
N GLY A 81 -5.64 9.64 13.45
CA GLY A 81 -5.99 8.28 13.08
C GLY A 81 -4.81 7.37 13.36
N HIS A 82 -4.92 6.08 13.00
CA HIS A 82 -3.84 5.10 13.26
C HIS A 82 -2.64 5.27 12.33
N VAL A 83 -2.86 5.92 11.16
CA VAL A 83 -1.84 6.26 10.18
C VAL A 83 -0.94 7.35 10.80
N ALA A 84 -1.57 8.45 11.32
CA ALA A 84 -0.87 9.55 11.99
C ALA A 84 -0.09 9.03 13.20
N ASP A 85 -0.63 8.03 13.90
CA ASP A 85 0.00 7.40 15.07
C ASP A 85 1.35 6.74 14.70
N PHE A 86 1.46 6.16 13.47
CA PHE A 86 2.68 5.56 12.93
C PHE A 86 3.70 6.66 12.57
N LEU A 87 3.24 7.69 11.83
CA LEU A 87 4.00 8.84 11.37
C LEU A 87 4.55 9.64 12.53
N VAL A 88 3.71 9.93 13.56
CA VAL A 88 4.08 10.69 14.76
C VAL A 88 5.09 9.89 15.55
N ALA A 89 4.88 8.56 15.67
CA ALA A 89 5.82 7.68 16.38
C ALA A 89 7.18 7.63 15.68
N ASP A 90 7.21 7.75 14.32
CA ASP A 90 8.43 7.76 13.52
C ASP A 90 9.21 9.04 13.77
N PHE A 91 8.51 10.20 13.70
CA PHE A 91 9.09 11.51 14.01
C PHE A 91 9.69 11.48 15.42
N ARG A 92 8.91 11.02 16.43
CA ARG A 92 9.36 10.96 17.83
C ARG A 92 10.57 10.04 18.03
N ARG A 93 10.63 8.90 17.29
CA ARG A 93 11.74 7.94 17.34
C ARG A 93 13.01 8.58 16.70
N ARG A 94 12.79 9.57 15.83
CA ARG A 94 13.85 10.32 15.15
C ARG A 94 14.25 11.58 15.93
N GLY A 95 13.37 12.03 16.83
CA GLY A 95 13.57 13.23 17.64
C GLY A 95 13.07 14.46 16.93
N VAL A 96 12.18 14.28 15.93
CA VAL A 96 11.62 15.38 15.15
C VAL A 96 10.46 15.97 15.92
N ASP A 97 10.56 17.28 16.23
CA ASP A 97 9.57 18.03 16.97
C ASP A 97 8.28 18.18 16.16
N VAL A 98 7.20 17.54 16.66
CA VAL A 98 5.84 17.56 16.09
C VAL A 98 4.93 18.63 16.73
N SER A 99 5.46 19.40 17.71
CA SER A 99 4.68 20.42 18.42
C SER A 99 3.96 21.41 17.50
N GLN A 100 4.60 21.79 16.40
CA GLN A 100 4.05 22.74 15.44
C GLN A 100 3.14 22.12 14.37
N VAL A 101 2.78 20.84 14.53
CA VAL A 101 1.90 20.14 13.58
C VAL A 101 0.49 20.73 13.62
N ALA A 102 0.02 21.17 12.42
CA ALA A 102 -1.31 21.73 12.23
C ALA A 102 -2.34 20.61 12.03
N TRP A 103 -2.75 19.96 13.14
CA TRP A 103 -3.74 18.87 13.16
C TRP A 103 -5.08 19.33 12.60
N GLN A 104 -5.58 18.60 11.60
CA GLN A 104 -6.86 18.91 10.96
C GLN A 104 -7.95 17.94 11.43
N SER A 105 -9.23 18.28 11.18
CA SER A 105 -10.39 17.44 11.54
C SER A 105 -11.07 16.91 10.27
N LYS A 106 -11.07 17.73 9.19
CA LYS A 106 -11.64 17.41 7.89
C LYS A 106 -10.57 16.81 6.95
N GLY A 107 -10.60 15.49 6.79
CA GLY A 107 -9.68 14.76 5.93
C GLY A 107 -8.99 13.55 6.53
N ASP A 108 -8.23 12.83 5.68
CA ASP A 108 -7.43 11.65 6.02
C ASP A 108 -5.95 11.95 5.76
N THR A 109 -5.01 11.22 6.41
CA THR A 109 -3.56 11.45 6.21
C THR A 109 -3.17 10.94 4.80
N PRO A 110 -2.50 11.77 3.93
CA PRO A 110 -2.16 11.29 2.58
C PRO A 110 -1.23 10.07 2.58
N SER A 111 -1.44 9.21 1.60
CA SER A 111 -0.70 7.97 1.40
C SER A 111 -0.23 7.90 -0.04
N SER A 112 0.81 7.09 -0.29
CA SER A 112 1.32 6.89 -1.64
C SER A 112 1.87 5.50 -1.86
N CYS A 113 1.78 5.01 -3.11
CA CYS A 113 2.29 3.71 -3.52
C CYS A 113 3.57 3.89 -4.27
N CYS A 114 4.66 3.45 -3.64
CA CYS A 114 6.01 3.60 -4.14
C CYS A 114 6.60 2.30 -4.63
N ILE A 115 6.85 2.21 -5.95
CA ILE A 115 7.48 1.07 -6.59
C ILE A 115 8.97 1.44 -6.70
N ILE A 116 9.84 0.70 -5.98
CA ILE A 116 11.28 0.96 -6.06
C ILE A 116 11.87 -0.17 -6.88
N ASN A 117 12.44 0.19 -8.05
CA ASN A 117 13.09 -0.79 -8.92
C ASN A 117 14.46 -1.05 -8.30
N ASN A 118 14.70 -2.29 -7.85
CA ASN A 118 15.92 -2.70 -7.15
C ASN A 118 17.19 -2.65 -8.01
N SER A 119 17.05 -2.98 -9.32
CA SER A 119 18.16 -3.01 -10.27
C SER A 119 18.77 -1.64 -10.56
N ASN A 120 18.00 -0.55 -10.41
CA ASN A 120 18.51 0.78 -10.72
C ASN A 120 18.25 1.83 -9.64
N GLY A 121 17.45 1.44 -8.64
CA GLY A 121 17.08 2.31 -7.54
C GLY A 121 16.01 3.35 -7.86
N ASN A 122 15.44 3.30 -9.08
CA ASN A 122 14.41 4.25 -9.50
C ASN A 122 13.16 4.12 -8.63
N ARG A 123 12.52 5.25 -8.36
CA ARG A 123 11.34 5.29 -7.53
C ARG A 123 10.16 5.94 -8.27
N THR A 124 9.03 5.22 -8.30
CA THR A 124 7.78 5.64 -8.90
C THR A 124 6.76 5.86 -7.77
N ILE A 125 6.31 7.11 -7.60
CA ILE A 125 5.35 7.50 -6.56
C ILE A 125 3.97 7.76 -7.15
N VAL A 126 2.96 7.00 -6.69
CA VAL A 126 1.55 7.15 -7.07
C VAL A 126 0.92 7.73 -5.81
N LEU A 127 0.77 9.06 -5.79
CA LEU A 127 0.30 9.77 -4.61
C LEU A 127 -1.21 9.93 -4.52
N HIS A 128 -1.75 9.72 -3.30
CA HIS A 128 -3.14 9.97 -2.97
C HIS A 128 -3.16 11.21 -2.10
N ASP A 129 -3.45 12.37 -2.73
CA ASP A 129 -3.55 13.62 -2.01
C ASP A 129 -4.99 13.76 -1.57
N THR A 130 -5.20 13.48 -0.28
CA THR A 130 -6.48 13.41 0.44
C THR A 130 -7.30 14.71 0.47
N SER A 131 -6.75 15.82 -0.08
CA SER A 131 -7.36 17.16 -0.09
C SER A 131 -7.60 17.66 1.34
N LEU A 132 -6.63 17.34 2.23
CA LEU A 132 -6.54 17.76 3.61
C LEU A 132 -6.24 19.27 3.52
N PRO A 133 -6.76 20.13 4.44
CA PRO A 133 -6.42 21.56 4.36
C PRO A 133 -4.92 21.77 4.59
N ASP A 134 -4.27 22.57 3.71
CA ASP A 134 -2.83 22.87 3.81
C ASP A 134 -2.56 23.80 5.01
N VAL A 135 -1.29 23.87 5.47
CA VAL A 135 -0.89 24.75 6.57
C VAL A 135 -1.06 26.19 6.05
N SER A 136 -1.87 27.01 6.74
CA SER A 136 -2.13 28.39 6.34
C SER A 136 -1.27 29.39 7.11
N ALA A 137 -1.24 30.67 6.64
CA ALA A 137 -0.49 31.76 7.30
C ALA A 137 -0.97 31.94 8.75
N THR A 138 -2.25 31.55 8.99
CA THR A 138 -2.95 31.55 10.28
C THR A 138 -2.26 30.54 11.20
N ASP A 139 -2.09 29.27 10.72
CA ASP A 139 -1.41 28.18 11.43
C ASP A 139 0.03 28.61 11.75
N PHE A 140 0.69 29.25 10.76
CA PHE A 140 2.06 29.76 10.83
C PHE A 140 2.21 30.94 11.80
N GLU A 141 1.16 31.77 11.97
CA GLU A 141 1.17 32.94 12.86
C GLU A 141 1.32 32.58 14.35
N LYS A 142 0.85 31.37 14.75
CA LYS A 142 0.93 30.85 16.12
C LYS A 142 2.30 30.20 16.44
N VAL A 143 3.30 30.37 15.53
CA VAL A 143 4.63 29.77 15.67
C VAL A 143 5.65 30.77 16.22
N ASP A 144 6.32 30.37 17.33
CA ASP A 144 7.37 31.13 18.00
C ASP A 144 8.65 30.99 17.17
N LEU A 145 8.96 32.03 16.38
CA LEU A 145 10.10 32.07 15.47
C LEU A 145 11.45 32.29 16.15
N THR A 146 11.47 32.44 17.49
CA THR A 146 12.72 32.70 18.22
C THR A 146 13.60 31.43 18.38
N GLN A 147 12.98 30.22 18.41
CA GLN A 147 13.69 28.94 18.56
C GLN A 147 14.40 28.43 17.26
N PHE A 148 14.09 29.04 16.09
CA PHE A 148 14.58 28.64 14.78
C PHE A 148 15.77 29.43 14.21
N LYS A 149 16.80 28.65 13.87
CA LYS A 149 18.08 28.97 13.24
C LYS A 149 17.81 29.16 11.75
N TRP A 150 16.98 28.23 11.20
CA TRP A 150 16.64 28.09 9.79
C TRP A 150 15.18 27.68 9.63
N ILE A 151 14.54 28.06 8.52
CA ILE A 151 13.18 27.66 8.15
C ILE A 151 13.17 27.29 6.66
N HIS A 152 12.68 26.06 6.34
CA HIS A 152 12.57 25.54 4.97
C HIS A 152 11.11 25.30 4.60
N ILE A 153 10.66 25.89 3.50
CA ILE A 153 9.29 25.71 3.05
C ILE A 153 9.26 24.92 1.73
N GLU A 154 8.50 23.80 1.73
CA GLU A 154 8.26 22.92 0.58
C GLU A 154 7.06 23.54 -0.19
N GLY A 155 7.35 24.06 -1.38
CA GLY A 155 6.38 24.74 -2.25
C GLY A 155 5.13 23.94 -2.60
N ARG A 156 4.00 24.24 -1.92
CA ARG A 156 2.67 23.65 -2.10
C ARG A 156 1.58 24.73 -2.35
N ASN A 157 1.12 25.41 -1.27
CA ASN A 157 0.12 26.48 -1.31
C ASN A 157 0.86 27.83 -1.39
N ALA A 158 1.43 28.11 -2.59
CA ALA A 158 2.24 29.29 -2.92
C ALA A 158 1.74 30.61 -2.34
N SER A 159 0.56 31.10 -2.78
CA SER A 159 -0.08 32.34 -2.32
C SER A 159 -0.15 32.48 -0.78
N GLU A 160 -0.50 31.36 -0.08
CA GLU A 160 -0.58 31.29 1.39
C GLU A 160 0.81 31.21 2.07
N GLN A 161 1.78 30.52 1.42
CA GLN A 161 3.16 30.37 1.90
C GLN A 161 3.92 31.68 1.80
N VAL A 162 3.61 32.50 0.75
CA VAL A 162 4.18 33.83 0.52
C VAL A 162 3.90 34.73 1.73
N LYS A 163 2.70 34.57 2.35
CA LYS A 163 2.27 35.28 3.55
C LYS A 163 3.13 34.85 4.77
N MET A 164 3.54 33.56 4.82
CA MET A 164 4.41 33.00 5.87
C MET A 164 5.83 33.52 5.64
N LEU A 165 6.22 33.64 4.35
CA LEU A 165 7.54 34.13 3.91
C LEU A 165 7.70 35.60 4.25
N GLN A 166 6.69 36.45 3.91
CA GLN A 166 6.65 37.89 4.22
C GLN A 166 6.74 38.10 5.74
N ARG A 167 6.08 37.21 6.53
CA ARG A 167 6.09 37.20 8.01
C ARG A 167 7.50 36.96 8.54
N ILE A 168 8.32 36.16 7.82
CA ILE A 168 9.72 35.88 8.21
C ILE A 168 10.60 37.11 7.89
N ASP A 169 10.45 37.70 6.69
CA ASP A 169 11.20 38.90 6.27
C ASP A 169 11.01 40.02 7.30
N ALA A 170 9.73 40.28 7.68
CA ALA A 170 9.28 41.26 8.66
C ALA A 170 9.96 41.03 10.01
N HIS A 171 10.00 39.76 10.50
CA HIS A 171 10.65 39.38 11.75
C HIS A 171 12.15 39.68 11.70
N ASN A 172 12.79 39.35 10.56
CA ASN A 172 14.23 39.54 10.28
C ASN A 172 14.66 41.01 10.34
N THR A 173 13.82 41.94 9.79
CA THR A 173 14.10 43.38 9.81
C THR A 173 14.17 43.86 11.27
N ARG A 174 13.19 43.41 12.10
CA ARG A 174 13.11 43.74 13.53
C ARG A 174 14.19 42.97 14.36
N GLN A 175 15.15 42.29 13.69
CA GLN A 175 16.19 41.51 14.36
C GLN A 175 17.64 41.88 13.95
N PRO A 176 18.65 41.71 14.85
CA PRO A 176 20.04 42.02 14.45
C PRO A 176 20.57 41.05 13.40
N PRO A 177 21.59 41.40 12.54
CA PRO A 177 22.10 40.41 11.57
C PRO A 177 22.55 39.09 12.20
N GLU A 178 22.95 39.15 13.48
CA GLU A 178 23.41 38.03 14.32
C GLU A 178 22.32 36.97 14.53
N GLN A 179 21.11 37.37 14.96
CA GLN A 179 20.01 36.44 15.22
C GLN A 179 18.90 36.52 14.16
N LYS A 180 19.29 36.51 12.87
CA LYS A 180 18.34 36.48 11.75
C LYS A 180 18.09 35.03 11.34
N ILE A 181 16.84 34.72 10.91
CA ILE A 181 16.44 33.37 10.46
C ILE A 181 16.79 33.19 8.98
N ARG A 182 17.56 32.13 8.66
CA ARG A 182 17.85 31.85 7.25
C ARG A 182 16.67 31.10 6.66
N VAL A 183 16.32 31.41 5.42
CA VAL A 183 15.17 30.78 4.78
C VAL A 183 15.55 30.09 3.50
N SER A 184 15.00 28.89 3.29
CA SER A 184 15.16 28.12 2.07
C SER A 184 13.78 27.73 1.53
N VAL A 185 13.64 27.74 0.20
CA VAL A 185 12.39 27.45 -0.49
C VAL A 185 12.63 26.35 -1.55
N GLU A 186 11.75 25.34 -1.61
CA GLU A 186 11.89 24.27 -2.60
C GLU A 186 10.78 24.31 -3.64
N VAL A 187 11.13 24.48 -4.92
CA VAL A 187 10.21 24.46 -6.07
C VAL A 187 10.41 23.06 -6.71
N GLU A 188 9.57 22.07 -6.33
CA GLU A 188 9.70 20.68 -6.78
C GLU A 188 8.76 20.29 -7.91
N LYS A 189 7.50 20.73 -7.85
CA LYS A 189 6.54 20.39 -8.90
C LYS A 189 6.44 21.50 -9.96
N PRO A 190 6.27 21.15 -11.26
CA PRO A 190 6.19 22.18 -12.30
C PRO A 190 4.83 22.89 -12.37
N ARG A 191 4.50 23.62 -11.28
CA ARG A 191 3.27 24.36 -11.07
C ARG A 191 3.56 25.87 -11.11
N GLU A 192 2.86 26.60 -11.99
CA GLU A 192 3.01 28.05 -12.20
C GLU A 192 2.79 28.90 -10.96
N GLU A 193 1.85 28.49 -10.06
CA GLU A 193 1.54 29.20 -8.80
C GLU A 193 2.80 29.33 -7.95
N LEU A 194 3.60 28.24 -7.87
CA LEU A 194 4.84 28.14 -7.08
C LEU A 194 6.01 28.99 -7.58
N PHE A 195 6.01 29.44 -8.86
CA PHE A 195 7.11 30.24 -9.43
C PHE A 195 7.23 31.66 -8.82
N GLN A 196 6.28 32.02 -7.93
CA GLN A 196 6.28 33.31 -7.21
C GLN A 196 7.23 33.25 -6.00
N LEU A 197 7.44 32.04 -5.44
CA LEU A 197 8.30 31.75 -4.27
C LEU A 197 9.80 31.82 -4.63
N PHE A 198 10.13 32.06 -5.92
CA PHE A 198 11.46 32.02 -6.50
C PHE A 198 12.59 32.94 -5.95
N GLY A 199 12.42 34.19 -5.51
CA GLY A 199 11.25 34.96 -5.13
C GLY A 199 11.60 35.43 -3.73
N TYR A 200 11.47 34.48 -2.76
CA TYR A 200 11.77 34.63 -1.33
C TYR A 200 12.85 33.61 -0.92
N GLY A 201 13.36 33.75 0.31
CA GLY A 201 14.39 32.87 0.84
C GLY A 201 15.79 33.14 0.32
N ASP A 202 16.79 32.95 1.20
CA ASP A 202 18.23 33.09 0.97
C ASP A 202 18.78 31.98 0.05
N VAL A 203 18.14 30.79 0.09
CA VAL A 203 18.51 29.62 -0.71
C VAL A 203 17.25 29.08 -1.37
N VAL A 204 17.27 28.99 -2.70
CA VAL A 204 16.14 28.52 -3.49
C VAL A 204 16.53 27.24 -4.22
N PHE A 205 15.89 26.13 -3.85
CA PHE A 205 16.12 24.82 -4.46
C PHE A 205 15.13 24.61 -5.61
N VAL A 206 15.63 24.47 -6.85
CA VAL A 206 14.78 24.21 -8.01
C VAL A 206 15.08 22.82 -8.59
N SER A 207 14.06 21.97 -8.66
CA SER A 207 14.20 20.62 -9.18
C SER A 207 14.49 20.58 -10.70
N LYS A 208 15.10 19.48 -11.14
CA LYS A 208 15.50 19.15 -12.50
C LYS A 208 14.22 19.05 -13.38
N ASP A 209 13.11 18.54 -12.79
CA ASP A 209 11.78 18.41 -13.40
C ASP A 209 11.19 19.79 -13.78
N VAL A 210 11.23 20.76 -12.85
CA VAL A 210 10.78 22.15 -13.02
C VAL A 210 11.64 22.82 -14.12
N ALA A 211 12.96 22.54 -14.11
CA ALA A 211 13.94 23.07 -15.06
C ALA A 211 13.69 22.61 -16.50
N LYS A 212 13.43 21.29 -16.70
CA LYS A 212 13.12 20.71 -18.02
C LYS A 212 11.77 21.24 -18.55
N HIS A 213 10.81 21.52 -17.61
CA HIS A 213 9.50 22.10 -17.88
C HIS A 213 9.65 23.51 -18.48
N LEU A 214 10.77 24.19 -18.16
CA LEU A 214 11.10 25.53 -18.66
C LEU A 214 12.03 25.57 -19.91
N GLY A 215 12.32 24.40 -20.49
CA GLY A 215 13.17 24.29 -21.67
C GLY A 215 14.68 24.35 -21.44
N PHE A 216 15.09 24.05 -20.19
CA PHE A 216 16.49 24.01 -19.76
C PHE A 216 16.96 22.54 -19.80
N GLN A 217 18.06 22.28 -20.54
CA GLN A 217 18.62 20.94 -20.73
C GLN A 217 19.80 20.61 -19.78
N SER A 218 20.14 21.56 -18.87
CA SER A 218 21.22 21.41 -17.90
C SER A 218 20.96 22.25 -16.65
N ALA A 219 21.68 21.92 -15.56
CA ALA A 219 21.60 22.63 -14.30
C ALA A 219 22.18 24.03 -14.42
N GLU A 220 23.26 24.21 -15.23
CA GLU A 220 23.89 25.52 -15.44
C GLU A 220 23.02 26.47 -16.32
N GLU A 221 22.27 25.88 -17.28
CA GLU A 221 21.34 26.53 -18.20
C GLU A 221 20.18 27.09 -17.36
N ALA A 222 19.65 26.23 -16.48
CA ALA A 222 18.54 26.53 -15.57
C ALA A 222 18.88 27.63 -14.61
N LEU A 223 20.10 27.59 -14.03
CA LEU A 223 20.62 28.56 -13.06
C LEU A 223 20.78 29.96 -13.63
N ARG A 224 21.44 30.07 -14.79
CA ARG A 224 21.67 31.32 -15.51
C ARG A 224 20.34 31.93 -15.97
N GLY A 225 19.43 31.06 -16.45
CA GLY A 225 18.10 31.42 -16.92
C GLY A 225 17.12 31.83 -15.82
N LEU A 226 17.16 31.14 -14.66
CA LEU A 226 16.22 31.43 -13.58
C LEU A 226 16.73 32.32 -12.41
N TYR A 227 18.02 32.77 -12.45
CA TYR A 227 18.55 33.59 -11.35
C TYR A 227 17.87 34.96 -11.23
N GLY A 228 17.40 35.51 -12.35
CA GLY A 228 16.69 36.78 -12.37
C GLY A 228 15.52 36.81 -11.40
N ARG A 229 14.78 35.66 -11.31
CA ARG A 229 13.59 35.41 -10.46
C ARG A 229 13.84 35.33 -8.96
N VAL A 230 15.12 35.35 -8.51
CA VAL A 230 15.42 35.21 -7.08
C VAL A 230 15.67 36.57 -6.42
N ARG A 231 15.45 36.63 -5.09
CA ARG A 231 15.67 37.79 -4.21
C ARG A 231 17.15 38.26 -4.29
N LYS A 232 17.42 39.54 -3.96
CA LYS A 232 18.78 40.09 -3.95
C LYS A 232 19.59 39.36 -2.85
N GLY A 233 20.67 38.68 -3.26
CA GLY A 233 21.53 37.94 -2.33
C GLY A 233 21.23 36.45 -2.20
N ALA A 234 20.13 35.99 -2.79
CA ALA A 234 19.72 34.59 -2.76
C ALA A 234 20.64 33.67 -3.61
N VAL A 235 20.78 32.41 -3.16
CA VAL A 235 21.55 31.35 -3.83
C VAL A 235 20.54 30.37 -4.49
N LEU A 236 20.59 30.23 -5.82
CA LEU A 236 19.72 29.30 -6.53
C LEU A 236 20.51 27.98 -6.68
N VAL A 237 19.90 26.86 -6.25
CA VAL A 237 20.50 25.51 -6.26
C VAL A 237 19.70 24.57 -7.18
N CYS A 238 20.40 23.82 -8.04
CA CYS A 238 19.76 22.82 -8.90
C CYS A 238 20.54 21.53 -8.93
N ALA A 239 19.94 20.45 -8.41
CA ALA A 239 20.51 19.11 -8.47
C ALA A 239 20.05 18.44 -9.79
N TRP A 240 20.96 17.71 -10.46
CA TRP A 240 20.66 17.06 -11.73
C TRP A 240 21.02 15.56 -11.75
N ALA A 241 20.44 14.80 -10.80
CA ALA A 241 20.62 13.36 -10.63
C ALA A 241 22.12 12.92 -10.62
N GLU A 242 22.51 12.14 -11.65
CA GLU A 242 23.85 11.60 -11.85
C GLU A 242 24.83 12.68 -12.29
N GLU A 243 24.31 13.82 -12.73
CA GLU A 243 25.14 14.96 -13.19
C GLU A 243 25.64 15.83 -12.02
N GLY A 244 25.25 15.46 -10.80
CA GLY A 244 25.63 16.17 -9.59
C GLY A 244 24.67 17.29 -9.27
N ALA A 245 25.20 18.46 -8.92
CA ALA A 245 24.38 19.63 -8.58
C ALA A 245 25.18 20.87 -8.82
N ASP A 246 24.47 21.95 -9.13
CA ASP A 246 25.06 23.26 -9.38
C ASP A 246 24.39 24.34 -8.54
N ALA A 247 25.13 25.42 -8.26
CA ALA A 247 24.64 26.55 -7.47
C ALA A 247 25.08 27.87 -8.13
N LEU A 248 24.33 28.95 -7.88
CA LEU A 248 24.58 30.30 -8.41
C LEU A 248 24.18 31.32 -7.38
N GLY A 249 25.18 32.06 -6.92
CA GLY A 249 24.99 33.11 -5.93
C GLY A 249 25.12 34.52 -6.50
N PRO A 250 25.06 35.53 -5.61
CA PRO A 250 25.21 36.93 -6.06
C PRO A 250 26.45 37.27 -6.89
N ASP A 251 27.60 36.60 -6.67
CA ASP A 251 28.85 36.87 -7.42
C ASP A 251 28.79 36.50 -8.91
N GLY A 252 27.80 35.69 -9.28
CA GLY A 252 27.62 35.23 -10.64
C GLY A 252 28.47 34.03 -10.99
N LYS A 253 29.25 33.53 -10.00
CA LYS A 253 30.10 32.38 -10.19
C LYS A 253 29.30 31.12 -9.99
N LEU A 254 29.40 30.25 -10.99
CA LEU A 254 28.70 29.01 -11.02
C LEU A 254 29.54 28.03 -10.24
N LEU A 255 28.88 27.37 -9.30
CA LEU A 255 29.49 26.34 -8.49
C LEU A 255 28.90 25.02 -8.96
N HIS A 256 29.74 23.98 -8.96
CA HIS A 256 29.32 22.65 -9.35
C HIS A 256 29.88 21.62 -8.41
N SER A 257 29.12 20.55 -8.18
CA SER A 257 29.59 19.41 -7.42
C SER A 257 29.30 18.16 -8.24
N ASP A 258 30.29 17.32 -8.48
CA ASP A 258 30.08 16.04 -9.14
C ASP A 258 29.28 15.20 -8.14
N ALA A 259 28.48 14.21 -8.63
CA ALA A 259 27.68 13.37 -7.72
C ALA A 259 28.59 12.40 -6.98
N PHE A 260 28.03 11.73 -5.97
CA PHE A 260 28.74 10.70 -5.25
C PHE A 260 27.94 9.42 -5.44
N PRO A 261 27.85 8.86 -6.68
CA PRO A 261 27.04 7.66 -6.87
C PRO A 261 27.55 6.42 -6.15
N PRO A 262 26.64 5.63 -5.55
CA PRO A 262 27.11 4.39 -4.92
C PRO A 262 27.35 3.37 -6.06
N PRO A 263 28.24 2.35 -5.88
CA PRO A 263 28.45 1.37 -6.96
C PRO A 263 27.11 0.73 -7.35
N ARG A 264 26.28 0.38 -6.34
CA ARG A 264 24.93 -0.16 -6.59
C ARG A 264 23.84 0.78 -6.03
N VAL A 265 23.13 1.48 -6.94
CA VAL A 265 22.02 2.39 -6.68
C VAL A 265 20.78 1.49 -6.46
N VAL A 266 20.30 1.40 -5.19
CA VAL A 266 19.20 0.49 -4.79
C VAL A 266 17.87 1.24 -4.38
N ASP A 267 17.95 2.53 -3.95
CA ASP A 267 16.76 3.29 -3.54
C ASP A 267 16.96 4.83 -3.64
N THR A 268 16.32 5.49 -4.63
CA THR A 268 16.40 6.94 -4.82
C THR A 268 15.26 7.71 -4.15
N LEU A 269 14.34 7.01 -3.45
CA LEU A 269 13.19 7.61 -2.78
C LEU A 269 13.68 8.44 -1.59
N GLY A 270 13.44 9.74 -1.67
CA GLY A 270 13.87 10.70 -0.66
C GLY A 270 15.30 11.20 -0.84
N ALA A 271 15.92 10.92 -2.00
CA ALA A 271 17.30 11.33 -2.30
C ALA A 271 17.44 12.81 -2.47
N GLY A 272 16.50 13.42 -3.19
CA GLY A 272 16.41 14.87 -3.40
C GLY A 272 16.20 15.60 -2.10
N ASP A 273 15.49 14.97 -1.15
CA ASP A 273 15.20 15.49 0.18
C ASP A 273 16.45 15.42 1.04
N THR A 274 17.25 14.33 0.90
CA THR A 274 18.54 14.09 1.55
C THR A 274 19.47 15.16 1.03
N PHE A 275 19.42 15.46 -0.29
CA PHE A 275 20.22 16.52 -0.89
C PHE A 275 19.93 17.86 -0.19
N ASN A 276 18.68 18.33 -0.25
CA ASN A 276 18.18 19.56 0.36
C ASN A 276 18.59 19.73 1.81
N ALA A 277 18.24 18.77 2.67
CA ALA A 277 18.56 18.79 4.10
C ALA A 277 20.06 18.86 4.39
N SER A 278 20.88 18.22 3.55
CA SER A 278 22.34 18.23 3.70
C SER A 278 22.96 19.56 3.27
N VAL A 279 22.32 20.28 2.32
CA VAL A 279 22.74 21.62 1.86
C VAL A 279 22.35 22.61 2.96
N ILE A 280 21.09 22.54 3.47
CA ILE A 280 20.56 23.37 4.54
C ILE A 280 21.43 23.17 5.78
N PHE A 281 21.71 21.90 6.16
CA PHE A 281 22.56 21.56 7.29
C PHE A 281 23.96 22.20 7.18
N SER A 282 24.64 21.98 6.05
CA SER A 282 25.99 22.48 5.82
C SER A 282 26.04 24.00 5.84
N LEU A 283 25.06 24.66 5.22
CA LEU A 283 24.97 26.11 5.22
C LEU A 283 24.60 26.67 6.60
N SER A 284 23.80 25.93 7.40
CA SER A 284 23.40 26.26 8.77
C SER A 284 24.62 26.18 9.69
N GLN A 285 25.55 25.25 9.38
CA GLN A 285 26.83 25.08 10.10
C GLN A 285 27.88 26.10 9.63
N GLY A 286 27.47 27.00 8.73
CA GLY A 286 28.30 28.09 8.21
C GLY A 286 29.43 27.67 7.30
N ARG A 287 29.17 26.72 6.40
CA ARG A 287 30.16 26.28 5.45
C ARG A 287 29.89 26.97 4.11
N SER A 288 30.88 26.97 3.19
CA SER A 288 30.72 27.59 1.86
C SER A 288 29.66 26.87 1.04
N VAL A 289 29.09 27.58 0.06
CA VAL A 289 28.06 27.04 -0.82
C VAL A 289 28.66 25.88 -1.62
N GLN A 290 29.94 25.98 -1.98
CA GLN A 290 30.67 24.91 -2.66
C GLN A 290 30.69 23.67 -1.77
N GLU A 291 31.09 23.83 -0.48
CA GLU A 291 31.18 22.77 0.53
C GLU A 291 29.83 22.13 0.77
N ALA A 292 28.77 22.97 0.82
CA ALA A 292 27.40 22.55 1.05
C ALA A 292 26.86 21.80 -0.15
N LEU A 293 27.19 22.25 -1.38
CA LEU A 293 26.84 21.58 -2.64
C LEU A 293 27.44 20.20 -2.62
N ARG A 294 28.77 20.09 -2.36
CA ARG A 294 29.51 18.84 -2.27
C ARG A 294 28.91 17.87 -1.25
N PHE A 295 28.60 18.35 -0.04
CA PHE A 295 28.03 17.58 1.06
C PHE A 295 26.63 17.08 0.73
N GLY A 296 25.86 17.92 0.05
CA GLY A 296 24.52 17.58 -0.40
C GLY A 296 24.56 16.37 -1.29
N CYS A 297 25.49 16.38 -2.25
CA CYS A 297 25.70 15.30 -3.20
C CYS A 297 26.21 14.06 -2.51
N GLN A 298 27.02 14.24 -1.50
CA GLN A 298 27.67 13.21 -0.72
C GLN A 298 26.70 12.37 0.03
N VAL A 299 25.78 13.06 0.73
CA VAL A 299 24.80 12.42 1.59
C VAL A 299 23.69 11.85 0.74
N ALA A 300 23.26 12.54 -0.35
CA ALA A 300 22.24 12.03 -1.29
C ALA A 300 22.73 10.74 -1.98
N GLY A 301 23.99 10.70 -2.37
CA GLY A 301 24.64 9.56 -3.01
C GLY A 301 24.79 8.39 -2.08
N LYS A 302 25.12 8.61 -0.78
CA LYS A 302 25.25 7.53 0.20
C LYS A 302 23.90 6.84 0.38
N LYS A 303 22.83 7.66 0.48
CA LYS A 303 21.43 7.26 0.62
C LYS A 303 21.03 6.35 -0.56
N CYS A 304 21.31 6.74 -1.81
CA CYS A 304 20.96 5.97 -3.01
C CYS A 304 21.46 4.53 -3.02
N GLY A 305 22.36 4.17 -2.12
CA GLY A 305 22.90 2.83 -2.02
C GLY A 305 22.41 2.08 -0.82
N LEU A 306 21.42 2.68 -0.14
CA LEU A 306 20.78 2.15 1.07
C LEU A 306 19.28 2.15 0.91
N GLN A 307 18.58 1.31 1.67
CA GLN A 307 17.12 1.28 1.68
C GLN A 307 16.72 2.14 2.88
N GLY A 308 15.86 3.13 2.66
CA GLY A 308 15.47 4.06 3.71
C GLY A 308 16.54 5.09 4.01
N PHE A 309 16.53 5.68 5.22
CA PHE A 309 17.48 6.74 5.57
C PHE A 309 18.52 6.30 6.59
N ASP A 310 18.32 5.18 7.28
CA ASP A 310 19.29 4.66 8.25
C ASP A 310 20.58 4.22 7.56
N GLY A 311 21.69 4.73 8.07
CA GLY A 311 23.04 4.39 7.59
C GLY A 311 23.78 5.46 6.80
N ILE A 312 23.15 6.64 6.58
CA ILE A 312 23.78 7.72 5.82
C ILE A 312 24.91 8.39 6.63
N VAL A 313 24.88 8.23 7.97
CA VAL A 313 25.89 8.75 8.92
C VAL A 313 26.00 7.85 10.16
N GLY B 13 -13.99 -14.50 23.83
CA GLY B 13 -15.27 -14.90 24.42
C GLY B 13 -15.72 -16.33 24.13
N LEU B 14 -16.81 -16.75 24.78
CA LEU B 14 -17.44 -18.07 24.67
C LEU B 14 -18.15 -18.30 23.31
N VAL B 15 -17.52 -19.08 22.40
CA VAL B 15 -18.19 -19.44 21.15
C VAL B 15 -19.02 -20.71 21.45
N PRO B 16 -20.36 -20.78 21.20
CA PRO B 16 -21.08 -22.05 21.41
C PRO B 16 -20.56 -23.17 20.50
N ARG B 17 -20.75 -24.42 20.92
CA ARG B 17 -20.25 -25.60 20.24
C ARG B 17 -20.94 -25.87 18.90
N GLY B 18 -20.13 -26.14 17.86
CA GLY B 18 -20.54 -26.44 16.49
C GLY B 18 -21.41 -25.37 15.88
N SER B 19 -20.95 -24.11 15.98
CA SER B 19 -21.74 -22.96 15.57
C SER B 19 -21.11 -22.11 14.46
N GLN B 20 -19.78 -22.20 14.28
CA GLN B 20 -19.04 -21.37 13.34
C GLN B 20 -18.65 -22.10 12.08
N ILE B 21 -18.45 -21.32 10.99
CA ILE B 21 -17.93 -21.73 9.71
C ILE B 21 -16.53 -21.12 9.68
N LEU B 22 -15.50 -21.96 9.59
CA LEU B 22 -14.10 -21.54 9.59
C LEU B 22 -13.58 -21.44 8.18
N CYS B 23 -12.85 -20.36 7.85
CA CYS B 23 -12.24 -20.21 6.54
C CYS B 23 -10.75 -20.06 6.73
N VAL B 24 -9.98 -20.98 6.12
CA VAL B 24 -8.52 -21.04 6.20
C VAL B 24 -7.92 -20.60 4.85
N GLY B 25 -7.12 -19.54 4.87
CA GLY B 25 -6.47 -19.05 3.65
C GLY B 25 -5.84 -17.69 3.80
N LEU B 26 -5.74 -16.96 2.67
CA LEU B 26 -5.11 -15.64 2.58
C LEU B 26 -5.98 -14.48 3.00
N VAL B 27 -5.34 -13.53 3.66
CA VAL B 27 -5.73 -12.17 3.97
C VAL B 27 -4.55 -11.34 3.47
N VAL B 28 -4.86 -10.31 2.68
CA VAL B 28 -3.93 -9.40 2.03
C VAL B 28 -4.53 -7.96 2.07
N LEU B 29 -3.66 -6.94 2.15
CA LEU B 29 -4.10 -5.56 2.11
C LEU B 29 -3.86 -5.05 0.72
N ASP B 30 -4.96 -4.82 0.00
CA ASP B 30 -4.90 -4.34 -1.37
C ASP B 30 -5.05 -2.85 -1.38
N VAL B 31 -3.99 -2.16 -1.84
CA VAL B 31 -3.99 -0.72 -2.00
C VAL B 31 -4.25 -0.54 -3.49
N ILE B 32 -5.41 0.04 -3.83
CA ILE B 32 -5.91 0.22 -5.20
C ILE B 32 -5.96 1.71 -5.61
N SER B 33 -5.24 2.04 -6.68
CA SER B 33 -5.17 3.39 -7.18
C SER B 33 -5.74 3.46 -8.60
N LEU B 34 -6.61 4.45 -8.87
CA LEU B 34 -7.15 4.70 -10.20
C LEU B 34 -6.36 5.89 -10.79
N VAL B 35 -5.72 5.67 -11.93
CA VAL B 35 -4.87 6.69 -12.55
C VAL B 35 -5.37 7.13 -13.94
N ASP B 36 -5.06 8.39 -14.33
CA ASP B 36 -5.41 9.01 -15.61
C ASP B 36 -4.67 8.23 -16.71
N LYS B 37 -3.35 8.09 -16.54
CA LYS B 37 -2.44 7.35 -17.41
C LYS B 37 -1.50 6.50 -16.54
N TYR B 38 -1.05 5.33 -17.05
CA TYR B 38 -0.11 4.45 -16.34
C TYR B 38 1.20 5.19 -16.06
N PRO B 39 1.70 5.19 -14.79
CA PRO B 39 2.92 5.96 -14.51
C PRO B 39 4.17 5.33 -15.11
N LYS B 40 5.06 6.20 -15.64
CA LYS B 40 6.33 5.76 -16.20
C LYS B 40 7.37 5.81 -15.08
N GLU B 41 8.40 4.95 -15.17
CA GLU B 41 9.45 4.80 -14.18
C GLU B 41 10.12 6.13 -13.80
N ASP B 42 10.37 6.32 -12.49
CA ASP B 42 10.97 7.50 -11.84
C ASP B 42 10.04 8.74 -11.86
N SER B 43 8.71 8.52 -11.79
CA SER B 43 7.74 9.61 -11.79
C SER B 43 6.89 9.69 -10.51
N GLU B 44 6.58 10.93 -10.11
CA GLU B 44 5.79 11.29 -8.94
C GLU B 44 4.44 11.81 -9.47
N ILE B 45 3.42 10.92 -9.56
CA ILE B 45 2.10 11.28 -10.11
C ILE B 45 0.97 11.26 -9.06
N ARG B 46 -0.16 11.94 -9.33
CA ARG B 46 -1.31 11.95 -8.44
C ARG B 46 -2.44 11.04 -8.97
N CYS B 47 -2.92 10.13 -8.10
CA CYS B 47 -4.01 9.23 -8.45
C CYS B 47 -5.36 9.95 -8.34
N LEU B 48 -6.35 9.46 -9.10
CA LEU B 48 -7.70 10.00 -9.08
C LEU B 48 -8.42 9.57 -7.78
N SER B 49 -8.26 8.29 -7.38
CA SER B 49 -8.84 7.71 -6.17
C SER B 49 -7.95 6.61 -5.61
N GLN B 50 -7.97 6.42 -4.28
CA GLN B 50 -7.22 5.35 -3.65
C GLN B 50 -8.03 4.66 -2.60
N ARG B 51 -8.14 3.33 -2.75
CA ARG B 51 -8.87 2.45 -1.84
C ARG B 51 -7.89 1.52 -1.16
N TRP B 52 -8.09 1.27 0.14
CA TRP B 52 -7.36 0.28 0.92
C TRP B 52 -8.40 -0.76 1.26
N GLN B 53 -8.31 -1.93 0.63
CA GLN B 53 -9.26 -3.01 0.76
C GLN B 53 -8.68 -4.27 1.38
N ARG B 54 -9.49 -4.96 2.17
CA ARG B 54 -9.08 -6.25 2.69
C ARG B 54 -9.48 -7.29 1.62
N GLY B 55 -8.50 -8.01 1.11
CA GLY B 55 -8.65 -9.06 0.10
C GLY B 55 -8.27 -10.43 0.62
N GLY B 56 -8.20 -11.40 -0.31
CA GLY B 56 -7.88 -12.79 -0.02
C GLY B 56 -9.14 -13.64 -0.10
N ASN B 57 -9.05 -14.87 -0.64
CA ASN B 57 -10.22 -15.75 -0.81
C ASN B 57 -10.90 -16.13 0.46
N ALA B 58 -10.16 -16.70 1.45
CA ALA B 58 -10.79 -17.07 2.73
C ALA B 58 -11.31 -15.82 3.48
N SER B 59 -10.54 -14.73 3.38
CA SER B 59 -10.86 -13.42 3.96
C SER B 59 -12.21 -12.89 3.42
N ASN B 60 -12.38 -12.88 2.07
CA ASN B 60 -13.58 -12.43 1.38
C ASN B 60 -14.81 -13.27 1.70
N SER B 61 -14.65 -14.61 1.73
CA SER B 61 -15.66 -15.62 2.12
C SER B 61 -16.18 -15.35 3.50
N CYS B 62 -15.27 -15.06 4.47
CA CYS B 62 -15.63 -14.70 5.83
C CYS B 62 -16.57 -13.51 5.85
N THR B 63 -16.20 -12.41 5.20
CA THR B 63 -17.02 -11.20 5.06
C THR B 63 -18.48 -11.51 4.63
N VAL B 64 -18.64 -12.35 3.58
CA VAL B 64 -19.90 -12.78 2.95
C VAL B 64 -20.70 -13.61 3.92
N LEU B 65 -20.06 -14.55 4.59
CA LEU B 65 -20.69 -15.42 5.60
C LEU B 65 -21.23 -14.61 6.76
N SER B 66 -20.48 -13.58 7.19
CA SER B 66 -20.91 -12.66 8.23
C SER B 66 -22.15 -11.90 7.82
N LEU B 67 -22.17 -11.38 6.60
CA LEU B 67 -23.31 -10.66 5.99
C LEU B 67 -24.58 -11.53 5.78
N LEU B 68 -24.37 -12.83 5.52
CA LEU B 68 -25.39 -13.85 5.37
C LEU B 68 -26.03 -14.24 6.72
N GLY B 69 -25.38 -13.83 7.81
CA GLY B 69 -25.89 -14.10 9.16
C GLY B 69 -25.24 -15.29 9.83
N ALA B 70 -24.07 -15.72 9.34
CA ALA B 70 -23.37 -16.85 9.96
C ALA B 70 -22.26 -16.46 10.93
N PRO B 71 -22.15 -17.13 12.11
CA PRO B 71 -20.96 -16.90 12.96
C PRO B 71 -19.78 -17.51 12.19
N CYS B 72 -18.75 -16.72 11.94
CA CYS B 72 -17.63 -17.17 11.14
C CYS B 72 -16.35 -16.67 11.72
N ALA B 73 -15.28 -17.43 11.45
CA ALA B 73 -13.93 -17.26 11.92
C ALA B 73 -12.97 -17.41 10.78
N PHE B 74 -11.87 -16.69 10.80
CA PHE B 74 -10.80 -16.69 9.82
C PHE B 74 -9.52 -17.24 10.42
N MET B 75 -8.83 -18.10 9.64
CA MET B 75 -7.53 -18.61 10.01
C MET B 75 -6.56 -18.40 8.90
N GLY B 76 -5.67 -17.47 9.11
CA GLY B 76 -4.63 -17.14 8.13
C GLY B 76 -3.43 -16.60 8.84
N SER B 77 -2.33 -16.46 8.12
CA SER B 77 -1.09 -15.93 8.68
C SER B 77 -1.08 -14.44 8.62
N MET B 78 -0.65 -13.83 9.73
CA MET B 78 -0.47 -12.38 9.88
C MET B 78 0.74 -12.15 10.77
N ALA B 79 1.44 -11.03 10.54
CA ALA B 79 2.60 -10.61 11.32
C ALA B 79 2.19 -9.37 12.09
N PRO B 80 2.52 -9.26 13.41
CA PRO B 80 2.17 -8.03 14.14
C PRO B 80 2.66 -6.80 13.41
N GLY B 81 1.80 -5.80 13.34
CA GLY B 81 2.15 -4.59 12.62
C GLY B 81 0.95 -3.74 12.30
N HIS B 82 1.20 -2.69 11.54
CA HIS B 82 0.19 -1.74 11.16
C HIS B 82 -0.70 -2.22 10.01
N VAL B 83 -0.20 -3.15 9.16
CA VAL B 83 -0.94 -3.76 8.04
C VAL B 83 -1.96 -4.73 8.66
N ALA B 84 -1.52 -5.59 9.62
CA ALA B 84 -2.32 -6.54 10.39
C ALA B 84 -3.43 -5.80 11.18
N ASP B 85 -3.09 -4.64 11.74
CA ASP B 85 -3.98 -3.77 12.49
C ASP B 85 -5.15 -3.27 11.64
N PHE B 86 -4.87 -2.87 10.40
CA PHE B 86 -5.90 -2.42 9.46
C PHE B 86 -6.85 -3.59 9.09
N LEU B 87 -6.27 -4.78 8.79
CA LEU B 87 -6.98 -6.00 8.42
C LEU B 87 -7.81 -6.58 9.55
N VAL B 88 -7.29 -6.56 10.78
CA VAL B 88 -8.01 -7.03 11.98
C VAL B 88 -9.19 -6.10 12.27
N ALA B 89 -9.01 -4.78 12.11
CA ALA B 89 -10.14 -3.87 12.34
C ALA B 89 -11.20 -3.95 11.19
N ASP B 90 -10.83 -4.40 9.97
CA ASP B 90 -11.75 -4.59 8.85
C ASP B 90 -12.54 -5.88 9.02
N PHE B 91 -11.84 -6.93 9.49
CA PHE B 91 -12.42 -8.22 9.83
C PHE B 91 -13.51 -7.99 10.85
N ARG B 92 -13.19 -7.26 11.95
CA ARG B 92 -14.10 -6.96 13.07
C ARG B 92 -15.26 -6.09 12.62
N ARG B 93 -15.00 -5.12 11.74
CA ARG B 93 -16.01 -4.28 11.09
C ARG B 93 -17.06 -5.15 10.35
N ARG B 94 -16.60 -6.33 9.81
CA ARG B 94 -17.45 -7.28 9.13
C ARG B 94 -17.85 -8.44 10.03
N GLY B 95 -17.74 -8.25 11.35
CA GLY B 95 -18.12 -9.23 12.36
C GLY B 95 -17.40 -10.56 12.32
N VAL B 96 -16.25 -10.61 11.66
CA VAL B 96 -15.46 -11.84 11.55
C VAL B 96 -14.63 -12.07 12.83
N ASP B 97 -14.73 -13.28 13.40
CA ASP B 97 -13.94 -13.73 14.57
C ASP B 97 -12.50 -13.98 14.06
N VAL B 98 -11.53 -13.37 14.72
CA VAL B 98 -10.12 -13.35 14.29
C VAL B 98 -9.16 -14.09 15.28
N SER B 99 -9.74 -14.81 16.25
CA SER B 99 -8.99 -15.50 17.30
C SER B 99 -8.13 -16.70 16.87
N GLN B 100 -8.22 -17.14 15.60
CA GLN B 100 -7.50 -18.32 15.10
C GLN B 100 -6.34 -17.95 14.25
N VAL B 101 -6.14 -16.64 14.03
CA VAL B 101 -5.02 -16.13 13.27
C VAL B 101 -3.70 -16.73 13.77
N ALA B 102 -2.87 -17.18 12.83
CA ALA B 102 -1.56 -17.72 13.11
C ALA B 102 -0.61 -16.53 13.07
N TRP B 103 -0.41 -15.87 14.23
CA TRP B 103 0.50 -14.72 14.32
C TRP B 103 1.97 -15.22 14.16
N GLN B 104 2.74 -14.55 13.28
CA GLN B 104 4.10 -14.91 12.85
C GLN B 104 5.21 -13.99 13.34
N SER B 105 6.37 -14.60 13.67
CA SER B 105 7.58 -13.92 14.15
C SER B 105 8.41 -13.34 13.00
N LYS B 106 8.35 -13.96 11.81
CA LYS B 106 9.10 -13.51 10.64
C LYS B 106 8.19 -13.37 9.40
N GLY B 107 8.42 -12.30 8.64
CA GLY B 107 7.70 -11.99 7.40
C GLY B 107 6.79 -10.78 7.46
N ASP B 108 6.37 -10.33 6.27
CA ASP B 108 5.48 -9.21 6.04
C ASP B 108 4.05 -9.69 5.78
N THR B 109 3.06 -9.10 6.52
CA THR B 109 1.62 -9.30 6.33
C THR B 109 1.40 -8.94 4.85
N PRO B 110 0.73 -9.83 4.05
CA PRO B 110 0.61 -9.57 2.61
C PRO B 110 -0.04 -8.26 2.25
N SER B 111 0.57 -7.56 1.31
CA SER B 111 0.08 -6.29 0.81
C SER B 111 0.35 -6.21 -0.67
N SER B 112 -0.71 -5.98 -1.47
CA SER B 112 -0.60 -5.87 -2.92
C SER B 112 -0.95 -4.46 -3.37
N CYS B 113 -0.28 -3.98 -4.42
CA CYS B 113 -0.51 -2.67 -5.00
C CYS B 113 -1.15 -2.87 -6.36
N CYS B 114 -2.33 -2.28 -6.57
N CYS B 114 -2.33 -2.27 -6.58
CA CYS B 114 -3.04 -2.36 -7.84
CA CYS B 114 -3.09 -2.42 -7.81
C CYS B 114 -3.16 -0.97 -8.43
C CYS B 114 -3.29 -1.04 -8.47
N ILE B 115 -2.78 -0.86 -9.71
CA ILE B 115 -2.83 0.39 -10.47
C ILE B 115 -3.84 0.15 -11.62
N ILE B 116 -4.97 0.88 -11.58
CA ILE B 116 -6.03 0.78 -12.58
C ILE B 116 -5.98 2.01 -13.51
N ASN B 117 -5.87 1.77 -14.83
CA ASN B 117 -5.84 2.87 -15.79
C ASN B 117 -7.28 3.27 -16.16
N ASN B 118 -7.59 4.58 -16.09
CA ASN B 118 -8.91 5.13 -16.37
C ASN B 118 -9.29 4.97 -17.85
N SER B 119 -8.37 5.39 -18.75
CA SER B 119 -8.49 5.39 -20.21
C SER B 119 -8.71 4.00 -20.88
N ASN B 120 -8.24 2.87 -20.26
CA ASN B 120 -8.41 1.55 -20.86
C ASN B 120 -8.92 0.45 -19.89
N GLY B 121 -8.96 0.74 -18.59
CA GLY B 121 -9.45 -0.19 -17.55
C GLY B 121 -8.51 -1.28 -17.10
N ASN B 122 -7.33 -1.41 -17.76
CA ASN B 122 -6.30 -2.41 -17.47
C ASN B 122 -5.69 -2.28 -16.07
N ARG B 123 -5.62 -3.40 -15.35
CA ARG B 123 -5.08 -3.51 -13.99
C ARG B 123 -3.66 -4.10 -14.00
N THR B 124 -2.73 -3.37 -13.37
CA THR B 124 -1.33 -3.74 -13.20
C THR B 124 -1.17 -4.06 -11.70
N ILE B 125 -0.78 -5.30 -11.37
CA ILE B 125 -0.65 -5.69 -9.95
C ILE B 125 0.81 -5.97 -9.53
N VAL B 126 1.18 -5.45 -8.35
CA VAL B 126 2.47 -5.71 -7.71
C VAL B 126 2.07 -6.61 -6.53
N LEU B 127 2.16 -7.93 -6.74
CA LEU B 127 1.78 -8.94 -5.76
C LEU B 127 2.61 -8.91 -4.53
N HIS B 128 2.00 -9.32 -3.41
CA HIS B 128 2.61 -9.41 -2.10
C HIS B 128 3.85 -10.35 -2.11
N ASP B 129 4.80 -10.11 -1.19
CA ASP B 129 6.00 -10.93 -1.08
C ASP B 129 5.73 -12.32 -0.49
N THR B 130 6.67 -13.24 -0.70
CA THR B 130 6.67 -14.63 -0.26
C THR B 130 7.01 -14.77 1.25
N SER B 131 7.71 -13.75 1.80
CA SER B 131 8.24 -13.63 3.17
C SER B 131 7.43 -14.28 4.30
N LEU B 132 6.09 -14.12 4.31
CA LEU B 132 5.22 -14.66 5.37
C LEU B 132 4.82 -16.13 5.14
N PRO B 133 5.13 -17.03 6.11
CA PRO B 133 4.80 -18.44 5.94
C PRO B 133 3.30 -18.69 6.06
N ASP B 134 2.78 -19.69 5.33
CA ASP B 134 1.38 -20.08 5.36
C ASP B 134 1.04 -20.76 6.70
N VAL B 135 -0.26 -21.01 6.96
CA VAL B 135 -0.73 -21.70 8.16
C VAL B 135 -0.27 -23.16 8.05
N SER B 136 0.33 -23.71 9.09
CA SER B 136 0.87 -25.05 9.03
C SER B 136 -0.02 -26.08 9.67
N ALA B 137 0.27 -27.37 9.46
CA ALA B 137 -0.50 -28.44 10.08
C ALA B 137 -0.24 -28.45 11.59
N THR B 138 0.93 -27.89 12.03
CA THR B 138 1.24 -27.79 13.48
C THR B 138 0.50 -26.59 14.06
N ASP B 139 0.35 -25.52 13.25
CA ASP B 139 -0.44 -24.32 13.60
C ASP B 139 -1.91 -24.79 13.74
N PHE B 140 -2.43 -25.58 12.78
CA PHE B 140 -3.82 -26.09 12.76
C PHE B 140 -4.11 -27.16 13.83
N GLU B 141 -3.08 -27.87 14.31
CA GLU B 141 -3.15 -28.92 15.34
C GLU B 141 -3.61 -28.35 16.68
N LYS B 142 -3.24 -27.07 16.94
CA LYS B 142 -3.54 -26.31 18.17
C LYS B 142 -5.03 -25.88 18.35
N VAL B 143 -5.77 -25.84 17.24
CA VAL B 143 -7.18 -25.42 17.17
C VAL B 143 -8.10 -26.47 17.77
N ASP B 144 -9.05 -26.03 18.63
CA ASP B 144 -10.07 -26.91 19.20
C ASP B 144 -11.21 -26.76 18.19
N LEU B 145 -11.45 -27.85 17.49
CA LEU B 145 -12.40 -27.96 16.40
C LEU B 145 -13.85 -27.91 16.82
N THR B 146 -14.18 -28.37 18.02
CA THR B 146 -15.57 -28.43 18.55
C THR B 146 -16.47 -27.20 18.28
N GLN B 147 -15.91 -25.98 18.12
CA GLN B 147 -16.80 -24.81 17.90
C GLN B 147 -17.22 -24.62 16.44
N PHE B 148 -16.66 -25.43 15.52
CA PHE B 148 -16.93 -25.38 14.08
C PHE B 148 -17.91 -26.44 13.63
N LYS B 149 -18.83 -26.03 12.72
CA LYS B 149 -19.83 -26.89 12.08
C LYS B 149 -19.41 -27.24 10.66
N TRP B 150 -18.48 -26.44 10.10
CA TRP B 150 -18.00 -26.50 8.74
C TRP B 150 -16.63 -25.85 8.69
N ILE B 151 -15.69 -26.45 7.94
CA ILE B 151 -14.33 -25.89 7.75
C ILE B 151 -14.03 -25.81 6.26
N HIS B 152 -13.74 -24.59 5.75
CA HIS B 152 -13.43 -24.36 4.36
C HIS B 152 -11.96 -23.97 4.20
N ILE B 153 -11.25 -24.73 3.33
CA ILE B 153 -9.85 -24.49 3.14
C ILE B 153 -9.55 -24.00 1.75
N GLU B 154 -8.94 -22.80 1.64
CA GLU B 154 -8.48 -22.24 0.37
C GLU B 154 -7.14 -22.94 0.05
N GLY B 155 -7.07 -23.64 -1.08
CA GLY B 155 -5.89 -24.37 -1.53
C GLY B 155 -4.68 -23.49 -1.74
N ARG B 156 -3.62 -23.69 -0.91
CA ARG B 156 -2.39 -22.90 -0.98
C ARG B 156 -1.15 -23.77 -0.81
N ASN B 157 -0.82 -24.17 0.44
CA ASN B 157 0.29 -25.04 0.84
C ASN B 157 -0.32 -26.44 1.02
N ALA B 158 -0.57 -27.08 -0.12
CA ALA B 158 -1.28 -28.34 -0.28
C ALA B 158 -0.81 -29.50 0.62
N SER B 159 0.51 -29.75 0.71
CA SER B 159 1.11 -30.77 1.57
C SER B 159 0.65 -30.66 3.05
N GLU B 160 0.68 -29.43 3.58
CA GLU B 160 0.32 -29.05 4.94
C GLU B 160 -1.19 -29.09 5.20
N GLN B 161 -2.01 -28.58 4.22
CA GLN B 161 -3.48 -28.54 4.34
C GLN B 161 -4.09 -29.92 4.33
N VAL B 162 -3.44 -30.85 3.61
CA VAL B 162 -3.78 -32.27 3.53
C VAL B 162 -3.78 -32.91 4.92
N LYS B 163 -2.80 -32.53 5.75
CA LYS B 163 -2.65 -33.00 7.13
C LYS B 163 -3.74 -32.43 8.01
N MET B 164 -4.10 -31.13 7.78
CA MET B 164 -5.22 -30.41 8.43
C MET B 164 -6.52 -31.15 8.13
N LEU B 165 -6.70 -31.54 6.84
CA LEU B 165 -7.87 -32.27 6.35
C LEU B 165 -7.91 -33.65 6.92
N GLN B 166 -6.74 -34.35 6.98
CA GLN B 166 -6.61 -35.66 7.63
C GLN B 166 -7.01 -35.52 9.12
N ARG B 167 -6.57 -34.42 9.78
CA ARG B 167 -6.93 -34.15 11.19
C ARG B 167 -8.45 -34.02 11.37
N ILE B 168 -9.16 -33.24 10.49
CA ILE B 168 -10.64 -33.08 10.57
C ILE B 168 -11.30 -34.44 10.37
N ASP B 169 -10.76 -35.27 9.45
CA ASP B 169 -11.26 -36.61 9.18
C ASP B 169 -11.17 -37.47 10.43
N ALA B 170 -9.99 -37.44 11.12
CA ALA B 170 -9.73 -38.14 12.37
C ALA B 170 -10.73 -37.71 13.42
N HIS B 171 -10.89 -36.37 13.64
CA HIS B 171 -11.88 -35.82 14.57
C HIS B 171 -13.30 -36.37 14.32
N ASN B 172 -13.73 -36.36 13.03
CA ASN B 172 -15.05 -36.78 12.55
C ASN B 172 -15.38 -38.24 12.83
N THR B 173 -14.39 -39.13 12.57
CA THR B 173 -14.43 -40.58 12.78
C THR B 173 -14.98 -40.92 14.20
N ARG B 174 -14.51 -40.16 15.25
CA ARG B 174 -14.89 -40.28 16.66
C ARG B 174 -15.95 -39.26 17.12
N GLN B 175 -17.05 -39.06 16.30
CA GLN B 175 -18.16 -38.13 16.58
C GLN B 175 -19.48 -38.63 15.97
N PRO B 176 -20.66 -38.42 16.64
CA PRO B 176 -21.94 -38.84 16.02
C PRO B 176 -22.24 -38.05 14.74
N PRO B 177 -22.97 -38.61 13.75
CA PRO B 177 -23.25 -37.85 12.50
C PRO B 177 -23.76 -36.41 12.67
N GLU B 178 -24.57 -36.15 13.72
CA GLU B 178 -25.13 -34.83 14.04
C GLU B 178 -24.08 -33.78 14.50
N GLN B 179 -22.86 -34.22 14.87
CA GLN B 179 -21.78 -33.36 15.34
C GLN B 179 -20.51 -33.52 14.49
N LYS B 180 -20.68 -34.03 13.26
CA LYS B 180 -19.58 -34.17 12.31
C LYS B 180 -19.40 -32.82 11.56
N ILE B 181 -18.15 -32.37 11.43
CA ILE B 181 -17.77 -31.12 10.76
C ILE B 181 -17.77 -31.30 9.23
N ARG B 182 -18.68 -30.61 8.50
CA ARG B 182 -18.68 -30.67 7.03
C ARG B 182 -17.46 -29.87 6.53
N VAL B 183 -16.90 -30.25 5.38
CA VAL B 183 -15.64 -29.67 4.90
C VAL B 183 -15.75 -29.31 3.41
N SER B 184 -15.10 -28.22 3.03
CA SER B 184 -15.04 -27.76 1.65
C SER B 184 -13.62 -27.35 1.33
N VAL B 185 -13.28 -27.42 0.06
CA VAL B 185 -11.95 -27.11 -0.42
C VAL B 185 -12.11 -26.24 -1.66
N GLU B 186 -11.26 -25.21 -1.82
CA GLU B 186 -11.25 -24.40 -3.04
C GLU B 186 -9.90 -24.52 -3.75
N VAL B 187 -9.89 -25.10 -4.99
CA VAL B 187 -8.73 -25.21 -5.88
C VAL B 187 -8.99 -24.13 -6.92
N GLU B 188 -8.39 -22.95 -6.74
CA GLU B 188 -8.60 -21.74 -7.56
C GLU B 188 -7.41 -21.40 -8.46
N LYS B 189 -6.20 -21.71 -7.98
CA LYS B 189 -4.96 -21.43 -8.68
C LYS B 189 -4.54 -22.66 -9.52
N PRO B 190 -4.15 -22.45 -10.80
CA PRO B 190 -3.77 -23.59 -11.66
C PRO B 190 -2.37 -24.17 -11.37
N ARG B 191 -2.10 -24.46 -10.08
CA ARG B 191 -0.85 -25.00 -9.55
C ARG B 191 -1.04 -26.49 -9.33
N GLU B 192 -0.11 -27.28 -9.86
CA GLU B 192 -0.08 -28.74 -9.79
C GLU B 192 -0.29 -29.30 -8.37
N GLU B 193 0.50 -28.76 -7.38
CA GLU B 193 0.48 -29.15 -5.96
C GLU B 193 -0.92 -29.24 -5.36
N LEU B 194 -1.81 -28.38 -5.82
CA LEU B 194 -3.18 -28.25 -5.34
C LEU B 194 -4.12 -29.37 -5.76
N PHE B 195 -3.91 -29.99 -6.94
CA PHE B 195 -4.81 -30.99 -7.52
C PHE B 195 -4.99 -32.25 -6.67
N GLN B 196 -4.16 -32.40 -5.63
CA GLN B 196 -4.28 -33.50 -4.68
C GLN B 196 -5.39 -33.23 -3.69
N LEU B 197 -5.77 -31.93 -3.55
CA LEU B 197 -6.82 -31.46 -2.65
C LEU B 197 -8.19 -31.86 -3.12
N PHE B 198 -8.34 -32.30 -4.41
CA PHE B 198 -9.60 -32.79 -4.97
C PHE B 198 -10.14 -34.00 -4.18
N GLY B 199 -9.23 -34.85 -3.71
CA GLY B 199 -9.53 -36.04 -2.90
C GLY B 199 -9.97 -35.78 -1.47
N TYR B 200 -10.04 -34.50 -1.06
CA TYR B 200 -10.45 -34.12 0.30
C TYR B 200 -11.74 -33.30 0.30
N GLY B 201 -12.41 -33.28 1.44
CA GLY B 201 -13.63 -32.52 1.59
C GLY B 201 -14.90 -33.10 0.99
N ASP B 202 -16.02 -32.74 1.59
CA ASP B 202 -17.40 -33.05 1.21
C ASP B 202 -17.87 -32.21 -0.01
N VAL B 203 -17.31 -30.99 -0.16
CA VAL B 203 -17.58 -30.03 -1.24
C VAL B 203 -16.23 -29.60 -1.78
N VAL B 204 -16.08 -29.62 -3.11
CA VAL B 204 -14.83 -29.28 -3.78
C VAL B 204 -15.15 -28.22 -4.80
N PHE B 205 -14.56 -27.03 -4.65
CA PHE B 205 -14.76 -25.95 -5.60
C PHE B 205 -13.60 -25.91 -6.55
N VAL B 206 -13.90 -25.98 -7.85
CA VAL B 206 -12.86 -25.85 -8.86
C VAL B 206 -13.14 -24.53 -9.63
N SER B 207 -12.10 -23.77 -9.95
CA SER B 207 -12.31 -22.51 -10.66
C SER B 207 -12.23 -22.71 -12.17
N LYS B 208 -12.94 -21.83 -12.92
CA LYS B 208 -12.97 -21.78 -14.38
C LYS B 208 -11.56 -21.82 -14.96
N ASP B 209 -10.63 -21.03 -14.36
CA ASP B 209 -9.22 -20.90 -14.71
C ASP B 209 -8.44 -22.23 -14.52
N VAL B 210 -8.73 -22.98 -13.42
CA VAL B 210 -8.11 -24.29 -13.14
C VAL B 210 -8.62 -25.30 -14.19
N ALA B 211 -9.94 -25.30 -14.42
CA ALA B 211 -10.65 -26.15 -15.38
C ALA B 211 -10.09 -25.94 -16.80
N LYS B 212 -9.95 -24.65 -17.23
CA LYS B 212 -9.37 -24.29 -18.53
C LYS B 212 -7.91 -24.78 -18.66
N HIS B 213 -7.06 -24.54 -17.66
N HIS B 213 -7.07 -24.56 -17.63
CA HIS B 213 -5.66 -24.97 -17.64
CA HIS B 213 -5.66 -25.01 -17.55
C HIS B 213 -5.51 -26.52 -17.66
C HIS B 213 -5.55 -26.53 -17.76
N LEU B 214 -6.57 -27.27 -17.28
CA LEU B 214 -6.62 -28.73 -17.34
C LEU B 214 -7.25 -29.23 -18.65
N GLY B 215 -7.55 -28.30 -19.56
CA GLY B 215 -8.11 -28.58 -20.87
C GLY B 215 -9.62 -28.53 -21.04
N PHE B 216 -10.37 -28.25 -19.96
CA PHE B 216 -11.83 -28.17 -20.02
C PHE B 216 -12.28 -26.82 -20.54
N GLN B 217 -13.38 -26.81 -21.29
CA GLN B 217 -13.92 -25.61 -21.94
C GLN B 217 -15.32 -25.21 -21.46
N SER B 218 -15.87 -25.94 -20.46
CA SER B 218 -17.19 -25.68 -19.84
C SER B 218 -17.25 -26.30 -18.43
N ALA B 219 -18.20 -25.86 -17.60
CA ALA B 219 -18.39 -26.41 -16.26
C ALA B 219 -18.70 -27.93 -16.33
N GLU B 220 -19.51 -28.32 -17.35
CA GLU B 220 -19.92 -29.69 -17.67
C GLU B 220 -18.69 -30.57 -17.91
N GLU B 221 -17.81 -30.16 -18.84
CA GLU B 221 -16.57 -30.84 -19.20
C GLU B 221 -15.65 -31.00 -17.97
N ALA B 222 -15.58 -29.95 -17.13
CA ALA B 222 -14.76 -29.94 -15.92
C ALA B 222 -15.28 -30.92 -14.86
N LEU B 223 -16.59 -30.86 -14.57
CA LEU B 223 -17.19 -31.72 -13.55
C LEU B 223 -17.14 -33.20 -13.91
N ARG B 224 -17.55 -33.55 -15.14
CA ARG B 224 -17.50 -34.91 -15.70
C ARG B 224 -16.07 -35.41 -15.85
N GLY B 225 -15.13 -34.51 -16.16
CA GLY B 225 -13.73 -34.83 -16.36
C GLY B 225 -12.92 -35.02 -15.10
N LEU B 226 -13.31 -34.31 -14.00
CA LEU B 226 -12.59 -34.34 -12.71
C LEU B 226 -13.34 -35.04 -11.58
N TYR B 227 -14.63 -35.38 -11.73
CA TYR B 227 -15.34 -36.06 -10.64
C TYR B 227 -14.61 -37.31 -10.11
N GLY B 228 -13.87 -37.99 -10.97
CA GLY B 228 -13.10 -39.16 -10.55
C GLY B 228 -12.05 -38.90 -9.49
N ARG B 229 -11.55 -37.62 -9.40
CA ARG B 229 -10.48 -37.16 -8.50
C ARG B 229 -10.95 -36.90 -7.08
N VAL B 230 -12.27 -36.85 -6.86
CA VAL B 230 -12.86 -36.54 -5.56
C VAL B 230 -13.02 -37.80 -4.69
N ARG B 231 -13.29 -37.63 -3.38
N ARG B 231 -13.30 -37.63 -3.37
CA ARG B 231 -13.50 -38.75 -2.47
CA ARG B 231 -13.50 -38.75 -2.47
C ARG B 231 -14.95 -39.22 -2.54
C ARG B 231 -14.96 -39.22 -2.53
N LYS B 232 -15.23 -40.48 -2.13
CA LYS B 232 -16.59 -41.05 -2.15
C LYS B 232 -17.63 -40.19 -1.42
N GLY B 233 -18.63 -39.75 -2.20
CA GLY B 233 -19.76 -38.96 -1.72
C GLY B 233 -19.63 -37.45 -1.81
N ALA B 234 -18.50 -36.94 -2.35
CA ALA B 234 -18.24 -35.51 -2.47
C ALA B 234 -18.98 -34.86 -3.65
N VAL B 235 -19.25 -33.53 -3.53
CA VAL B 235 -19.87 -32.69 -4.53
C VAL B 235 -18.76 -31.82 -5.14
N LEU B 236 -18.63 -31.84 -6.48
CA LEU B 236 -17.65 -31.05 -7.21
C LEU B 236 -18.42 -29.91 -7.88
N VAL B 237 -18.11 -28.66 -7.50
CA VAL B 237 -18.77 -27.42 -7.93
C VAL B 237 -17.86 -26.58 -8.85
N CYS B 238 -18.45 -26.06 -9.94
CA CYS B 238 -17.76 -25.19 -10.90
C CYS B 238 -18.68 -24.09 -11.40
N ALA B 239 -18.31 -22.85 -11.08
CA ALA B 239 -18.99 -21.64 -11.53
C ALA B 239 -18.20 -21.15 -12.75
N TRP B 240 -18.92 -20.82 -13.84
CA TRP B 240 -18.34 -20.40 -15.11
C TRP B 240 -18.89 -19.03 -15.50
N ALA B 241 -18.58 -18.02 -14.65
CA ALA B 241 -18.96 -16.63 -14.82
C ALA B 241 -20.43 -16.43 -15.27
N GLU B 242 -20.62 -15.89 -16.50
CA GLU B 242 -21.91 -15.59 -17.12
C GLU B 242 -22.71 -16.85 -17.50
N GLU B 243 -22.03 -18.04 -17.58
CA GLU B 243 -22.62 -19.35 -17.90
C GLU B 243 -23.24 -20.07 -16.69
N GLY B 244 -23.24 -19.41 -15.53
CA GLY B 244 -23.82 -19.96 -14.32
C GLY B 244 -22.88 -20.88 -13.59
N ALA B 245 -23.43 -21.88 -12.92
CA ALA B 245 -22.61 -22.81 -12.16
C ALA B 245 -23.23 -24.17 -12.19
N ASP B 246 -22.38 -25.20 -12.13
CA ASP B 246 -22.82 -26.59 -12.10
C ASP B 246 -22.29 -27.28 -10.85
N ALA B 247 -23.01 -28.31 -10.41
CA ALA B 247 -22.57 -29.16 -9.32
C ALA B 247 -22.77 -30.64 -9.72
N LEU B 248 -21.86 -31.50 -9.29
CA LEU B 248 -21.97 -32.92 -9.60
C LEU B 248 -21.80 -33.78 -8.35
N GLY B 249 -22.87 -34.47 -7.99
CA GLY B 249 -22.90 -35.31 -6.82
C GLY B 249 -22.48 -36.75 -7.03
N PRO B 250 -22.55 -37.58 -5.98
CA PRO B 250 -22.20 -39.00 -6.15
C PRO B 250 -23.23 -39.80 -6.97
N ASP B 251 -24.45 -39.22 -7.21
CA ASP B 251 -25.55 -39.77 -8.01
C ASP B 251 -25.38 -39.60 -9.54
N GLY B 252 -24.36 -38.87 -9.96
CA GLY B 252 -24.07 -38.63 -11.36
C GLY B 252 -24.98 -37.64 -12.08
N LYS B 253 -25.93 -37.02 -11.36
CA LYS B 253 -26.86 -36.02 -11.87
C LYS B 253 -26.13 -34.65 -11.94
N LEU B 254 -25.85 -34.15 -13.17
CA LEU B 254 -25.18 -32.86 -13.37
C LEU B 254 -26.20 -31.76 -13.12
N LEU B 255 -26.01 -31.02 -12.01
CA LEU B 255 -26.93 -29.95 -11.64
C LEU B 255 -26.45 -28.65 -12.23
N HIS B 256 -27.39 -27.74 -12.49
CA HIS B 256 -27.05 -26.46 -13.10
C HIS B 256 -27.95 -25.33 -12.60
N SER B 257 -27.38 -24.12 -12.53
CA SER B 257 -28.08 -22.88 -12.24
C SER B 257 -27.50 -21.83 -13.18
N ASP B 258 -28.39 -21.06 -13.77
CA ASP B 258 -28.00 -19.99 -14.66
C ASP B 258 -27.57 -18.83 -13.80
N ALA B 259 -26.68 -17.97 -14.33
CA ALA B 259 -26.25 -16.77 -13.65
C ALA B 259 -27.43 -15.81 -13.48
N PHE B 260 -27.38 -14.97 -12.45
CA PHE B 260 -28.36 -13.94 -12.18
C PHE B 260 -27.60 -12.63 -12.35
N PRO B 261 -27.36 -12.16 -13.60
CA PRO B 261 -26.56 -10.93 -13.80
C PRO B 261 -27.20 -9.65 -13.27
N PRO B 262 -26.39 -8.67 -12.80
CA PRO B 262 -26.99 -7.41 -12.32
C PRO B 262 -27.34 -6.48 -13.49
N PRO B 263 -28.14 -5.38 -13.30
CA PRO B 263 -28.47 -4.49 -14.44
C PRO B 263 -27.22 -3.92 -15.15
N ARG B 264 -26.23 -3.47 -14.35
CA ARG B 264 -24.94 -2.97 -14.79
C ARG B 264 -23.88 -3.57 -13.86
N VAL B 265 -22.79 -4.13 -14.44
CA VAL B 265 -21.70 -4.76 -13.69
C VAL B 265 -20.68 -3.70 -13.19
N VAL B 266 -20.63 -3.53 -11.85
CA VAL B 266 -19.79 -2.58 -11.10
C VAL B 266 -18.42 -3.17 -10.71
N ASP B 267 -18.45 -4.25 -9.90
CA ASP B 267 -17.28 -4.89 -9.31
C ASP B 267 -17.48 -6.41 -9.25
N THR B 268 -16.64 -7.15 -10.01
CA THR B 268 -16.66 -8.61 -10.08
C THR B 268 -15.61 -9.19 -9.13
N LEU B 269 -14.79 -8.32 -8.53
CA LEU B 269 -13.72 -8.70 -7.63
C LEU B 269 -14.31 -9.18 -6.31
N GLY B 270 -14.10 -10.48 -6.05
CA GLY B 270 -14.58 -11.16 -4.85
C GLY B 270 -15.89 -11.90 -5.07
N ALA B 271 -16.40 -11.92 -6.32
CA ALA B 271 -17.65 -12.60 -6.67
C ALA B 271 -17.56 -14.14 -6.65
N GLY B 272 -16.39 -14.70 -6.92
CA GLY B 272 -16.14 -16.15 -6.82
C GLY B 272 -16.21 -16.58 -5.36
N ASP B 273 -15.67 -15.73 -4.49
CA ASP B 273 -15.67 -15.89 -3.03
C ASP B 273 -17.06 -15.80 -2.45
N THR B 274 -17.88 -14.88 -3.01
CA THR B 274 -19.28 -14.64 -2.66
C THR B 274 -20.11 -15.85 -3.01
N PHE B 275 -19.79 -16.49 -4.16
CA PHE B 275 -20.42 -17.70 -4.66
C PHE B 275 -20.12 -18.84 -3.72
N ASN B 276 -18.84 -19.12 -3.50
CA ASN B 276 -18.29 -20.12 -2.58
C ASN B 276 -18.91 -20.08 -1.21
N ALA B 277 -18.87 -18.90 -0.55
CA ALA B 277 -19.43 -18.68 0.78
C ALA B 277 -20.95 -18.88 0.86
N SER B 278 -21.66 -18.57 -0.26
CA SER B 278 -23.12 -18.70 -0.39
C SER B 278 -23.51 -20.17 -0.60
N VAL B 279 -22.74 -20.93 -1.36
CA VAL B 279 -22.96 -22.37 -1.55
C VAL B 279 -22.72 -23.06 -0.17
N ILE B 280 -21.59 -22.74 0.50
CA ILE B 280 -21.26 -23.23 1.86
C ILE B 280 -22.40 -22.89 2.84
N PHE B 281 -22.85 -21.61 2.86
CA PHE B 281 -23.92 -21.20 3.78
C PHE B 281 -25.22 -21.95 3.59
N SER B 282 -25.69 -22.03 2.33
CA SER B 282 -26.91 -22.73 1.96
C SER B 282 -26.78 -24.22 2.32
N LEU B 283 -25.67 -24.90 1.94
CA LEU B 283 -25.49 -26.28 2.36
C LEU B 283 -25.47 -26.43 3.91
N SER B 284 -24.79 -25.50 4.63
CA SER B 284 -24.70 -25.47 6.11
C SER B 284 -26.07 -25.32 6.76
N GLN B 285 -27.03 -24.68 6.04
CA GLN B 285 -28.40 -24.45 6.50
C GLN B 285 -29.37 -25.63 6.19
N GLY B 286 -28.83 -26.73 5.66
CA GLY B 286 -29.59 -27.93 5.34
C GLY B 286 -30.29 -27.91 4.00
N ARG B 287 -29.94 -26.96 3.12
CA ARG B 287 -30.53 -26.87 1.80
C ARG B 287 -29.84 -27.88 0.89
N SER B 288 -30.46 -28.12 -0.28
CA SER B 288 -29.96 -29.07 -1.27
C SER B 288 -28.84 -28.46 -2.11
N VAL B 289 -28.12 -29.30 -2.85
CA VAL B 289 -27.07 -28.88 -3.76
C VAL B 289 -27.65 -27.95 -4.85
N GLN B 290 -28.88 -28.26 -5.33
CA GLN B 290 -29.58 -27.45 -6.33
C GLN B 290 -30.00 -26.09 -5.77
N GLU B 291 -30.58 -26.05 -4.55
CA GLU B 291 -30.97 -24.82 -3.86
C GLU B 291 -29.70 -23.96 -3.55
N ALA B 292 -28.56 -24.59 -3.24
CA ALA B 292 -27.29 -23.93 -2.92
C ALA B 292 -26.60 -23.35 -4.12
N LEU B 293 -26.64 -24.06 -5.28
CA LEU B 293 -26.07 -23.58 -6.56
C LEU B 293 -26.78 -22.31 -6.90
N ARG B 294 -28.13 -22.37 -6.88
CA ARG B 294 -29.05 -21.26 -7.18
C ARG B 294 -28.74 -20.02 -6.34
N PHE B 295 -28.75 -20.18 -5.01
CA PHE B 295 -28.47 -19.15 -4.03
C PHE B 295 -27.08 -18.51 -4.30
N GLY B 296 -26.08 -19.36 -4.52
CA GLY B 296 -24.72 -18.97 -4.85
C GLY B 296 -24.68 -18.02 -6.02
N CYS B 297 -25.37 -18.40 -7.12
CA CYS B 297 -25.52 -17.62 -8.34
C CYS B 297 -26.29 -16.32 -8.11
N GLN B 298 -27.36 -16.38 -7.28
CA GLN B 298 -28.16 -15.20 -6.93
C GLN B 298 -27.27 -14.16 -6.20
N VAL B 299 -26.65 -14.52 -5.07
CA VAL B 299 -25.78 -13.68 -4.23
C VAL B 299 -24.57 -13.15 -5.02
N ALA B 300 -23.83 -14.02 -5.71
CA ALA B 300 -22.68 -13.61 -6.54
C ALA B 300 -23.11 -12.66 -7.69
N GLY B 301 -24.34 -12.83 -8.19
CA GLY B 301 -24.93 -11.98 -9.22
C GLY B 301 -25.23 -10.60 -8.69
N LYS B 302 -25.89 -10.52 -7.51
CA LYS B 302 -26.20 -9.27 -6.81
C LYS B 302 -24.92 -8.48 -6.49
N LYS B 303 -23.88 -9.17 -5.99
CA LYS B 303 -22.57 -8.60 -5.63
C LYS B 303 -21.93 -7.84 -6.80
N CYS B 304 -22.01 -8.42 -8.01
CA CYS B 304 -21.43 -7.88 -9.25
C CYS B 304 -21.93 -6.47 -9.63
N GLY B 305 -23.12 -6.07 -9.17
CA GLY B 305 -23.68 -4.75 -9.44
C GLY B 305 -23.45 -3.76 -8.32
N LEU B 306 -22.66 -4.19 -7.31
CA LEU B 306 -22.34 -3.45 -6.09
C LEU B 306 -20.82 -3.24 -5.97
N GLN B 307 -20.41 -2.09 -5.41
CA GLN B 307 -19.00 -1.83 -5.15
C GLN B 307 -18.73 -2.36 -3.71
N GLY B 308 -17.86 -3.37 -3.63
CA GLY B 308 -17.55 -4.09 -2.39
C GLY B 308 -18.63 -5.09 -2.05
N PHE B 309 -18.82 -5.38 -0.74
CA PHE B 309 -19.79 -6.36 -0.24
C PHE B 309 -21.03 -5.79 0.50
N ASP B 310 -21.05 -4.47 0.78
CA ASP B 310 -22.07 -3.74 1.58
C ASP B 310 -23.50 -4.35 1.59
N GLY B 311 -24.23 -4.30 0.47
CA GLY B 311 -25.62 -4.79 0.44
C GLY B 311 -25.90 -6.01 -0.40
N ILE B 312 -25.11 -7.09 -0.21
CA ILE B 312 -25.23 -8.36 -0.97
C ILE B 312 -26.44 -9.21 -0.51
N VAL B 313 -26.99 -8.92 0.69
CA VAL B 313 -28.13 -9.62 1.30
C VAL B 313 -29.29 -8.63 1.49
#